data_4DG9
#
_entry.id   4DG9
#
_cell.length_a   53.190
_cell.length_b   231.180
_cell.length_c   122.050
_cell.angle_alpha   90.00
_cell.angle_beta   90.00
_cell.angle_gamma   90.00
#
_symmetry.space_group_name_H-M   'C 2 2 21'
#
loop_
_entity.id
_entity.type
_entity.pdbx_description
1 polymer PA1221
2 non-polymer "5'-({[(2R,3R)-3-amino-2-{[2-({N-[(2R)-2-hydroxy-3,3-dimethyl-4-{[oxido(oxo)phosphonio]oxy}butanoyl]-beta-alanyl}amino)ethyl]sulfanyl}-4-methylpentyl]sulfonyl}amino)-5'-deoxyadenosine"
3 water water
#
_entity_poly.entity_id   1
_entity_poly.type   'polypeptide(L)'
_entity_poly.pdbx_seq_one_letter_code
;GHMDSFFRKKAIVRMSQNSLLDLYAHPTVVARFSEMAALHPHREAIRDRFGSVDYRQLLDSAEQLSDYLLEHYPQPGVCL
GVYGEYSRESITCLLAILLSGHHYLYIDLKQPAAWNAELCRQVDCRLILDCSTTPTPANGLPCVPVRHLPAAPASVARPC
FAADQIAYINFSSGTTGRPKAIACTHAGITRLCLGQSFLAFAPQMRFLVNSPLSFDAATLEIWGALLNGGCCVLNDLGPL
DPGVLRQLIGERGADSAWLTASLFNTLVDLDPDCLGGLRQLLTGGDILSVPHVRRALLRHPRLHLVNGYGPTENTTFTCC
HVVTDDDLEEDDIPIGKAIAGTAVLLLDEHGQEIAEPDRAGEIVAFGAGLAQGYRNDAARTRASFVELPYRGRLLRAYRT
GDRARYDEQGRLRFIGRGDGQVKLNGYRLDLPALEQRFRRQPGILDCALLVRERNGVKQLLCAWTGKADASPQALLRQLP
TWQRPHACVRVEALPLTAHGKLDRAALLRRLEEPLERCASALDPDQRGCAQLWSELLGCEVGAADQDFFLCGGNSLLALQ
LVALCQSAGAGANLGLADLQANSRLDQFSRLLRSHGLAPERLLERAATPEQPLVLSRSAA
;
_entity_poly.pdbx_strand_id   A
#
# COMPACT_ATOMS: atom_id res chain seq x y z
N ASN A 18 -15.53 -2.58 23.26
CA ASN A 18 -16.25 -3.77 23.71
C ASN A 18 -17.75 -3.62 23.52
N SER A 19 -18.29 -4.37 22.57
CA SER A 19 -19.61 -4.10 21.98
C SER A 19 -19.53 -3.13 20.80
N LEU A 20 -18.40 -2.46 20.66
CA LEU A 20 -18.07 -1.86 19.38
C LEU A 20 -17.30 -2.90 18.60
N LEU A 21 -16.93 -3.98 19.30
CA LEU A 21 -16.21 -5.10 18.70
C LEU A 21 -17.18 -5.90 17.86
N ASP A 22 -18.45 -5.54 17.98
CA ASP A 22 -19.53 -6.25 17.35
C ASP A 22 -19.83 -5.58 16.02
N LEU A 23 -19.73 -6.35 14.93
CA LEU A 23 -19.92 -5.80 13.60
C LEU A 23 -21.23 -5.04 13.45
N TYR A 24 -22.29 -5.54 14.07
CA TYR A 24 -23.63 -5.05 13.83
C TYR A 24 -23.95 -3.70 14.52
N ALA A 25 -23.00 -3.21 15.30
CA ALA A 25 -23.08 -1.88 15.90
C ALA A 25 -22.65 -0.77 14.94
N HIS A 26 -22.20 -1.14 13.75
CA HIS A 26 -21.66 -0.19 12.81
C HIS A 26 -22.53 -0.11 11.57
N PRO A 27 -22.60 1.07 10.95
CA PRO A 27 -23.50 1.18 9.80
C PRO A 27 -22.87 0.67 8.50
N THR A 28 -23.69 0.62 7.45
CA THR A 28 -23.17 0.27 6.15
C THR A 28 -22.45 1.49 5.60
N VAL A 29 -21.50 1.28 4.70
CA VAL A 29 -20.85 2.40 4.02
C VAL A 29 -21.92 3.25 3.33
N VAL A 30 -22.90 2.61 2.71
CA VAL A 30 -23.90 3.35 1.96
C VAL A 30 -24.88 4.11 2.83
N ALA A 31 -25.28 3.55 3.97
CA ALA A 31 -26.16 4.28 4.88
C ALA A 31 -25.48 5.57 5.35
N ARG A 32 -24.22 5.45 5.75
CA ARG A 32 -23.47 6.56 6.32
C ARG A 32 -23.17 7.60 5.24
N PHE A 33 -22.82 7.15 4.05
CA PHE A 33 -22.61 8.08 2.98
C PHE A 33 -23.90 8.82 2.66
N SER A 34 -25.02 8.12 2.60
CA SER A 34 -26.29 8.76 2.25
C SER A 34 -26.64 9.81 3.29
N GLU A 35 -26.31 9.50 4.53
CA GLU A 35 -26.43 10.48 5.59
C GLU A 35 -25.56 11.73 5.32
N MET A 36 -24.31 11.52 4.90
CA MET A 36 -23.45 12.66 4.60
C MET A 36 -23.98 13.47 3.43
N ALA A 37 -24.44 12.78 2.39
CA ALA A 37 -24.89 13.45 1.18
C ALA A 37 -26.13 14.26 1.48
N ALA A 38 -26.99 13.73 2.35
CA ALA A 38 -28.16 14.47 2.81
C ALA A 38 -27.80 15.71 3.65
N LEU A 39 -26.82 15.58 4.55
CA LEU A 39 -26.40 16.74 5.35
C LEU A 39 -25.62 17.78 4.56
N HIS A 40 -24.80 17.32 3.62
CA HIS A 40 -23.83 18.20 3.01
C HIS A 40 -23.87 18.18 1.49
N PRO A 41 -25.03 18.50 0.91
CA PRO A 41 -25.17 18.29 -0.53
C PRO A 41 -24.14 19.10 -1.33
N HIS A 42 -23.79 20.28 -0.84
CA HIS A 42 -22.91 21.20 -1.58
C HIS A 42 -21.45 21.20 -1.20
N ARG A 43 -21.05 20.33 -0.27
CA ARG A 43 -19.65 20.25 0.10
C ARG A 43 -18.92 19.49 -1.00
N GLU A 44 -17.66 19.84 -1.25
CA GLU A 44 -16.86 19.08 -2.20
C GLU A 44 -16.68 17.67 -1.66
N ALA A 45 -17.13 16.69 -2.44
CA ALA A 45 -16.82 15.28 -2.20
C ALA A 45 -15.50 14.87 -2.85
N ILE A 46 -15.26 15.41 -4.04
CA ILE A 46 -14.09 15.05 -4.84
C ILE A 46 -13.47 16.27 -5.53
N ARG A 47 -12.14 16.31 -5.55
CA ARG A 47 -11.44 17.35 -6.27
C ARG A 47 -10.37 16.70 -7.14
N ASP A 48 -10.52 16.87 -8.45
CA ASP A 48 -9.56 16.31 -9.40
C ASP A 48 -9.07 17.42 -10.32
N ARG A 49 -8.26 17.06 -11.31
CA ARG A 49 -7.74 18.08 -12.22
C ARG A 49 -8.81 18.87 -12.98
N PHE A 50 -10.02 18.31 -13.13
CA PHE A 50 -11.09 19.00 -13.88
C PHE A 50 -11.98 19.90 -13.04
N GLY A 51 -11.89 19.80 -11.73
CA GLY A 51 -12.82 20.53 -10.89
C GLY A 51 -13.16 19.78 -9.62
N SER A 52 -14.33 20.06 -9.08
CA SER A 52 -14.86 19.26 -7.99
C SER A 52 -16.20 18.63 -8.34
N VAL A 53 -16.59 17.65 -7.53
CA VAL A 53 -17.91 17.06 -7.61
C VAL A 53 -18.46 17.20 -6.20
N ASP A 54 -19.68 17.70 -6.04
CA ASP A 54 -20.19 17.77 -4.67
C ASP A 54 -20.92 16.50 -4.26
N TYR A 55 -21.33 16.42 -3.00
CA TYR A 55 -21.96 15.21 -2.47
C TYR A 55 -23.22 14.80 -3.22
N ARG A 56 -24.15 15.74 -3.42
CA ARG A 56 -25.36 15.48 -4.19
C ARG A 56 -25.05 14.91 -5.59
N GLN A 57 -24.09 15.51 -6.29
CA GLN A 57 -23.66 15.04 -7.61
C GLN A 57 -23.03 13.65 -7.53
N LEU A 58 -22.13 13.45 -6.57
CA LEU A 58 -21.53 12.15 -6.45
C LEU A 58 -22.66 11.12 -6.27
N LEU A 59 -23.56 11.39 -5.33
CA LEU A 59 -24.67 10.48 -5.05
C LEU A 59 -25.53 10.17 -6.29
N ASP A 60 -25.90 11.19 -7.05
CA ASP A 60 -26.65 10.94 -8.28
C ASP A 60 -25.90 10.06 -9.26
N SER A 61 -24.64 10.42 -9.55
CA SER A 61 -23.85 9.69 -10.55
C SER A 61 -23.77 8.24 -10.16
N ALA A 62 -23.49 8.05 -8.87
CA ALA A 62 -23.31 6.72 -8.28
C ALA A 62 -24.60 5.92 -8.37
N GLU A 63 -25.72 6.59 -8.11
CA GLU A 63 -27.01 5.92 -8.17
C GLU A 63 -27.33 5.47 -9.56
N GLN A 64 -27.00 6.31 -10.53
CA GLN A 64 -27.26 6.01 -11.93
C GLN A 64 -26.47 4.77 -12.40
N LEU A 65 -25.18 4.78 -12.05
CA LEU A 65 -24.32 3.67 -12.42
C LEU A 65 -24.80 2.40 -11.69
N SER A 66 -25.32 2.60 -10.49
CA SER A 66 -25.88 1.50 -9.73
C SER A 66 -27.11 0.93 -10.45
N ASP A 67 -27.97 1.80 -10.97
CA ASP A 67 -29.11 1.36 -11.79
C ASP A 67 -28.65 0.41 -12.90
N TYR A 68 -27.58 0.78 -13.58
CA TYR A 68 -26.97 -0.15 -14.56
C TYR A 68 -26.49 -1.51 -13.96
N LEU A 69 -25.74 -1.44 -12.85
CA LEU A 69 -25.24 -2.66 -12.20
C LEU A 69 -26.34 -3.62 -11.75
N LEU A 70 -27.36 -3.05 -11.11
CA LEU A 70 -28.50 -3.81 -10.61
C LEU A 70 -29.24 -4.43 -11.77
N GLU A 71 -29.31 -3.71 -12.89
CA GLU A 71 -29.87 -4.34 -14.06
C GLU A 71 -29.11 -5.61 -14.40
N HIS A 72 -27.78 -5.55 -14.51
CA HIS A 72 -27.07 -6.78 -14.90
C HIS A 72 -26.77 -7.77 -13.77
N TYR A 73 -26.77 -7.30 -12.53
CA TYR A 73 -26.50 -8.15 -11.38
C TYR A 73 -27.42 -7.77 -10.24
N PRO A 74 -28.70 -8.17 -10.38
CA PRO A 74 -29.77 -7.83 -9.44
C PRO A 74 -29.67 -8.55 -8.09
N GLN A 75 -28.91 -9.64 -8.02
CA GLN A 75 -28.74 -10.33 -6.74
C GLN A 75 -27.52 -9.80 -6.00
N PRO A 76 -27.74 -9.32 -4.77
CA PRO A 76 -26.65 -8.76 -3.96
C PRO A 76 -25.48 -9.75 -3.77
N GLY A 77 -24.28 -9.22 -3.61
CA GLY A 77 -23.13 -10.02 -3.24
C GLY A 77 -22.16 -10.54 -4.30
N VAL A 78 -22.08 -9.87 -5.44
CA VAL A 78 -21.14 -10.30 -6.46
C VAL A 78 -19.90 -9.41 -6.48
N CYS A 79 -18.78 -9.97 -6.92
CA CYS A 79 -17.56 -9.20 -7.06
C CYS A 79 -17.47 -8.50 -8.41
N LEU A 80 -17.30 -7.18 -8.37
CA LEU A 80 -17.10 -6.38 -9.59
C LEU A 80 -15.73 -5.72 -9.58
N GLY A 81 -15.07 -5.75 -10.73
CA GLY A 81 -13.77 -5.15 -10.89
C GLY A 81 -13.79 -3.68 -11.28
N VAL A 82 -12.71 -2.99 -10.97
CA VAL A 82 -12.52 -1.62 -11.36
C VAL A 82 -11.10 -1.45 -11.88
N TYR A 83 -10.98 -0.75 -13.01
CA TYR A 83 -9.66 -0.37 -13.48
C TYR A 83 -9.54 1.10 -13.83
N GLY A 84 -8.30 1.57 -13.75
CA GLY A 84 -7.91 2.94 -13.99
C GLY A 84 -7.43 3.71 -12.77
N GLU A 85 -6.54 4.65 -13.04
CA GLU A 85 -5.96 5.50 -12.02
C GLU A 85 -7.08 6.34 -11.46
N TYR A 86 -6.85 6.88 -10.27
CA TYR A 86 -7.89 7.61 -9.58
C TYR A 86 -8.51 8.67 -10.48
N SER A 87 -9.83 8.68 -10.55
CA SER A 87 -10.58 9.70 -11.27
C SER A 87 -11.93 9.84 -10.58
N ARG A 88 -12.74 10.80 -11.01
CA ARG A 88 -14.06 10.92 -10.43
C ARG A 88 -14.87 9.66 -10.79
N GLU A 89 -14.63 9.13 -11.98
CA GLU A 89 -15.27 7.89 -12.38
C GLU A 89 -14.92 6.72 -11.45
N SER A 90 -13.64 6.51 -11.13
CA SER A 90 -13.32 5.34 -10.31
C SER A 90 -13.95 5.43 -8.90
N ILE A 91 -13.93 6.62 -8.30
CA ILE A 91 -14.58 6.79 -7.02
C ILE A 91 -16.07 6.47 -7.16
N THR A 92 -16.68 7.08 -8.16
CA THR A 92 -18.09 6.88 -8.42
C THR A 92 -18.42 5.38 -8.53
N CYS A 93 -17.59 4.63 -9.26
CA CYS A 93 -17.73 3.18 -9.41
C CYS A 93 -17.68 2.47 -8.07
N LEU A 94 -16.74 2.85 -7.21
CA LEU A 94 -16.68 2.21 -5.89
C LEU A 94 -18.02 2.40 -5.18
N LEU A 95 -18.49 3.62 -5.20
CA LEU A 95 -19.74 3.93 -4.56
C LEU A 95 -20.92 3.14 -5.18
N ALA A 96 -20.97 3.06 -6.50
CA ALA A 96 -22.07 2.37 -7.20
C ALA A 96 -22.07 0.87 -6.90
N ILE A 97 -20.87 0.29 -6.90
CA ILE A 97 -20.70 -1.08 -6.49
C ILE A 97 -21.25 -1.30 -5.09
N LEU A 98 -20.79 -0.51 -4.13
CA LEU A 98 -21.35 -0.66 -2.77
C LEU A 98 -22.87 -0.50 -2.72
N LEU A 99 -23.38 0.52 -3.40
CA LEU A 99 -24.80 0.82 -3.46
C LEU A 99 -25.62 -0.34 -3.98
N SER A 100 -25.00 -1.16 -4.81
CA SER A 100 -25.72 -2.30 -5.38
C SER A 100 -25.59 -3.57 -4.54
N GLY A 101 -24.98 -3.46 -3.37
CA GLY A 101 -24.78 -4.62 -2.52
C GLY A 101 -23.64 -5.53 -2.96
N HIS A 102 -22.83 -5.03 -3.89
CA HIS A 102 -21.69 -5.78 -4.38
C HIS A 102 -20.42 -5.29 -3.74
N HIS A 103 -19.30 -5.93 -4.06
CA HIS A 103 -18.02 -5.52 -3.50
C HIS A 103 -16.99 -5.34 -4.60
N TYR A 104 -16.02 -4.44 -4.38
CA TYR A 104 -15.05 -4.11 -5.43
C TYR A 104 -13.70 -4.80 -5.31
N LEU A 105 -13.10 -4.98 -6.49
CA LEU A 105 -11.78 -5.55 -6.62
C LEU A 105 -10.99 -4.69 -7.59
N TYR A 106 -9.87 -4.13 -7.16
CA TYR A 106 -9.06 -3.39 -8.09
C TYR A 106 -8.24 -4.33 -8.95
N ILE A 107 -8.45 -4.28 -10.25
CA ILE A 107 -7.61 -5.00 -11.18
C ILE A 107 -6.58 -4.04 -11.71
N ASP A 108 -5.32 -4.27 -11.38
CA ASP A 108 -4.23 -3.39 -11.79
C ASP A 108 -3.74 -3.89 -13.15
N LEU A 109 -3.85 -3.07 -14.18
CA LEU A 109 -3.46 -3.55 -15.51
C LEU A 109 -1.97 -3.38 -15.76
N LYS A 110 -1.26 -2.87 -14.76
CA LYS A 110 0.20 -2.91 -14.76
C LYS A 110 0.70 -4.32 -14.50
N GLN A 111 -0.23 -5.26 -14.27
CA GLN A 111 0.18 -6.58 -13.77
C GLN A 111 -0.03 -7.63 -14.84
N PRO A 112 0.70 -8.74 -14.75
CA PRO A 112 0.57 -9.73 -15.82
C PRO A 112 -0.80 -10.42 -15.85
N ALA A 113 -1.20 -10.76 -17.07
CA ALA A 113 -2.51 -11.30 -17.33
C ALA A 113 -2.87 -12.47 -16.42
N ALA A 114 -2.02 -13.48 -16.39
CA ALA A 114 -2.31 -14.65 -15.56
C ALA A 114 -2.58 -14.25 -14.11
N TRP A 115 -1.87 -13.23 -13.64
CA TRP A 115 -2.00 -12.82 -12.23
C TRP A 115 -3.41 -12.28 -11.99
N ASN A 116 -3.83 -11.35 -12.85
CA ASN A 116 -5.16 -10.77 -12.75
C ASN A 116 -6.27 -11.80 -12.95
N ALA A 117 -6.06 -12.70 -13.91
CA ALA A 117 -7.02 -13.75 -14.19
C ALA A 117 -7.17 -14.65 -12.97
N GLU A 118 -6.05 -14.87 -12.28
CA GLU A 118 -6.07 -15.66 -11.06
C GLU A 118 -6.89 -14.97 -9.98
N LEU A 119 -6.67 -13.66 -9.80
CA LEU A 119 -7.47 -12.92 -8.84
C LEU A 119 -8.96 -13.08 -9.15
N CYS A 120 -9.31 -12.79 -10.40
CA CYS A 120 -10.70 -12.87 -10.86
C CYS A 120 -11.33 -14.24 -10.63
N ARG A 121 -10.57 -15.31 -10.88
CA ARG A 121 -11.04 -16.67 -10.62
C ARG A 121 -11.28 -16.87 -9.14
N GLN A 122 -10.34 -16.38 -8.33
CA GLN A 122 -10.44 -16.59 -6.89
C GLN A 122 -11.71 -15.97 -6.30
N VAL A 123 -12.04 -14.75 -6.70
CA VAL A 123 -13.28 -14.15 -6.19
C VAL A 123 -14.48 -14.20 -7.13
N ASP A 124 -14.30 -14.85 -8.27
CA ASP A 124 -15.35 -14.95 -9.28
C ASP A 124 -15.80 -13.57 -9.74
N CYS A 125 -14.86 -12.83 -10.30
CA CYS A 125 -15.13 -11.45 -10.67
C CYS A 125 -15.92 -11.43 -11.97
N ARG A 126 -17.12 -10.85 -11.93
CA ARG A 126 -18.05 -11.02 -13.02
C ARG A 126 -17.70 -10.14 -14.21
N LEU A 127 -17.41 -8.88 -13.91
CA LEU A 127 -17.28 -7.85 -14.89
C LEU A 127 -16.36 -6.79 -14.33
N ILE A 128 -15.57 -6.17 -15.19
CA ILE A 128 -14.68 -5.11 -14.77
C ILE A 128 -15.21 -3.78 -15.29
N LEU A 129 -15.27 -2.79 -14.39
CA LEU A 129 -15.70 -1.45 -14.76
C LEU A 129 -14.47 -0.64 -15.11
N ASP A 130 -14.33 -0.33 -16.40
CA ASP A 130 -13.12 0.28 -16.90
C ASP A 130 -13.21 1.80 -16.88
N CYS A 131 -12.49 2.43 -15.96
CA CYS A 131 -12.35 3.88 -15.95
C CYS A 131 -11.03 4.36 -16.55
N SER A 132 -10.23 3.43 -17.05
CA SER A 132 -8.94 3.78 -17.65
C SER A 132 -9.10 4.83 -18.73
N THR A 133 -8.28 5.87 -18.61
CA THR A 133 -8.25 6.97 -19.55
C THR A 133 -7.62 6.50 -20.86
N THR A 134 -6.54 5.73 -20.71
CA THR A 134 -5.79 5.17 -21.82
C THR A 134 -6.42 3.86 -22.30
N PRO A 135 -6.17 3.48 -23.57
CA PRO A 135 -6.71 2.24 -24.15
C PRO A 135 -6.42 0.98 -23.33
N THR A 136 -7.44 0.16 -23.13
CA THR A 136 -7.30 -1.07 -22.33
C THR A 136 -6.88 -2.27 -23.15
N PRO A 137 -5.65 -2.74 -22.94
CA PRO A 137 -5.23 -4.04 -23.47
C PRO A 137 -5.71 -5.13 -22.53
N ALA A 138 -7.02 -5.36 -22.45
CA ALA A 138 -7.56 -6.38 -21.55
C ALA A 138 -7.32 -7.78 -22.12
N ASN A 139 -8.08 -8.10 -23.15
CA ASN A 139 -7.89 -9.27 -24.00
C ASN A 139 -8.23 -10.64 -23.42
N GLY A 140 -8.26 -10.77 -22.09
CA GLY A 140 -8.88 -11.94 -21.48
C GLY A 140 -10.15 -11.63 -20.71
N LEU A 141 -10.31 -10.35 -20.34
CA LEU A 141 -11.21 -9.99 -19.26
C LEU A 141 -12.38 -9.14 -19.72
N PRO A 142 -13.55 -9.31 -19.08
CA PRO A 142 -14.78 -8.62 -19.47
C PRO A 142 -14.84 -7.16 -18.96
N CYS A 143 -14.23 -6.24 -19.70
CA CYS A 143 -14.22 -4.81 -19.36
C CYS A 143 -15.34 -4.05 -20.06
N VAL A 144 -16.06 -3.24 -19.30
CA VAL A 144 -16.97 -2.25 -19.88
C VAL A 144 -16.60 -0.82 -19.47
N PRO A 145 -16.28 0.05 -20.44
CA PRO A 145 -15.98 1.47 -20.15
C PRO A 145 -17.18 2.18 -19.54
N VAL A 146 -16.99 2.84 -18.40
CA VAL A 146 -18.10 3.54 -17.75
C VAL A 146 -18.38 4.97 -18.24
N ARG A 147 -17.35 5.69 -18.68
CA ARG A 147 -17.55 7.07 -19.14
C ARG A 147 -18.59 7.08 -20.26
N HIS A 148 -19.43 8.11 -20.27
CA HIS A 148 -20.48 8.30 -21.30
C HIS A 148 -21.46 7.15 -21.39
N LEU A 149 -21.61 6.38 -20.31
CA LEU A 149 -22.50 5.23 -20.30
C LEU A 149 -23.96 5.67 -20.49
N PRO A 150 -24.74 4.87 -21.23
CA PRO A 150 -26.09 5.11 -21.74
C PRO A 150 -27.12 5.68 -20.75
N ALA A 151 -26.90 5.55 -19.46
CA ALA A 151 -27.94 5.87 -18.48
C ALA A 151 -29.13 4.90 -18.56
N ALA A 152 -28.90 3.70 -18.01
CA ALA A 152 -29.86 2.58 -17.97
C ALA A 152 -31.15 2.85 -17.19
N PRO A 153 -32.03 1.83 -17.08
CA PRO A 153 -33.44 2.06 -16.71
C PRO A 153 -33.72 2.69 -15.34
N ALA A 154 -33.35 3.97 -15.24
CA ALA A 154 -34.14 5.01 -14.57
C ALA A 154 -34.37 4.86 -13.07
N SER A 155 -34.22 3.64 -12.55
CA SER A 155 -34.12 3.45 -11.11
C SER A 155 -34.20 1.99 -10.73
N VAL A 156 -33.72 1.70 -9.54
CA VAL A 156 -33.94 0.42 -8.91
C VAL A 156 -33.89 0.69 -7.41
N ALA A 157 -34.72 -0.02 -6.65
CA ALA A 157 -34.59 0.01 -5.20
C ALA A 157 -33.24 -0.60 -4.85
N ARG A 158 -32.53 -0.02 -3.89
CA ARG A 158 -31.25 -0.60 -3.49
C ARG A 158 -31.53 -1.62 -2.40
N PRO A 159 -30.86 -2.78 -2.49
CA PRO A 159 -31.08 -3.79 -1.44
C PRO A 159 -30.64 -3.21 -0.12
N CYS A 160 -31.38 -3.43 0.96
CA CYS A 160 -30.90 -2.94 2.23
C CYS A 160 -30.26 -4.13 2.95
N PHE A 161 -28.94 -4.22 2.76
CA PHE A 161 -28.09 -5.26 3.36
C PHE A 161 -27.51 -4.89 4.74
N ALA A 162 -27.15 -5.91 5.51
CA ALA A 162 -26.50 -5.74 6.83
C ALA A 162 -25.02 -5.34 6.75
N ALA A 163 -24.49 -4.84 7.87
CA ALA A 163 -23.14 -4.30 7.87
C ALA A 163 -22.06 -5.35 7.65
N ASP A 164 -22.43 -6.62 7.69
CA ASP A 164 -21.44 -7.71 7.52
C ASP A 164 -21.23 -8.09 6.04
N GLN A 165 -21.95 -7.39 5.16
CA GLN A 165 -21.75 -7.48 3.72
C GLN A 165 -20.30 -7.19 3.32
N ILE A 166 -19.81 -7.90 2.31
CA ILE A 166 -18.50 -7.59 1.76
C ILE A 166 -18.49 -6.23 1.02
N ALA A 167 -17.64 -5.31 1.44
CA ALA A 167 -17.32 -4.10 0.70
C ALA A 167 -16.26 -4.29 -0.40
N TYR A 168 -15.17 -4.98 -0.07
CA TYR A 168 -14.06 -5.10 -1.02
C TYR A 168 -13.14 -6.28 -0.75
N ILE A 169 -12.30 -6.60 -1.73
CA ILE A 169 -11.35 -7.69 -1.64
C ILE A 169 -9.93 -7.17 -1.73
N ASN A 170 -9.06 -7.62 -0.83
CA ASN A 170 -7.61 -7.47 -1.03
C ASN A 170 -7.00 -8.85 -0.96
N PHE A 171 -5.87 -9.02 -1.62
CA PHE A 171 -5.24 -10.33 -1.67
C PHE A 171 -4.05 -10.53 -0.75
N SER A 172 -3.91 -11.75 -0.26
CA SER A 172 -2.75 -12.16 0.50
C SER A 172 -1.57 -12.04 -0.47
N SER A 173 -0.36 -12.06 0.09
CA SER A 173 0.86 -11.89 -0.68
C SER A 173 0.83 -12.63 -2.02
N GLY A 174 0.75 -13.95 -1.97
CA GLY A 174 0.63 -14.76 -3.17
C GLY A 174 1.93 -15.06 -3.87
N THR A 175 3.02 -15.07 -3.09
CA THR A 175 4.34 -15.39 -3.62
C THR A 175 4.48 -16.89 -3.93
N THR A 176 3.60 -17.70 -3.35
CA THR A 176 3.50 -19.11 -3.73
C THR A 176 3.13 -19.18 -5.21
N GLY A 177 2.50 -18.11 -5.69
CA GLY A 177 1.90 -18.08 -7.00
C GLY A 177 0.38 -18.18 -6.88
N ARG A 178 -0.08 -18.40 -5.64
CA ARG A 178 -1.50 -18.55 -5.36
C ARG A 178 -1.99 -17.55 -4.29
N PRO A 179 -2.31 -16.33 -4.72
CA PRO A 179 -2.80 -15.31 -3.80
C PRO A 179 -4.18 -15.65 -3.29
N LYS A 180 -4.42 -15.40 -2.01
CA LYS A 180 -5.71 -15.71 -1.39
C LYS A 180 -6.50 -14.43 -1.08
N ALA A 181 -7.79 -14.46 -1.34
CA ALA A 181 -8.64 -13.28 -1.18
C ALA A 181 -9.04 -13.03 0.27
N ILE A 182 -8.86 -11.78 0.69
CA ILE A 182 -9.29 -11.32 1.99
C ILE A 182 -10.47 -10.39 1.77
N ALA A 183 -11.66 -10.84 2.16
CA ALA A 183 -12.89 -10.06 1.99
C ALA A 183 -13.13 -9.17 3.22
N CYS A 184 -13.22 -7.88 3.00
CA CYS A 184 -13.40 -6.92 4.07
C CYS A 184 -14.82 -6.36 4.01
N THR A 185 -15.35 -5.94 5.15
CA THR A 185 -16.78 -5.71 5.29
C THR A 185 -17.09 -4.23 5.42
N HIS A 186 -18.33 -3.85 5.12
CA HIS A 186 -18.78 -2.49 5.40
C HIS A 186 -18.46 -2.04 6.81
N ALA A 187 -18.69 -2.93 7.77
CA ALA A 187 -18.44 -2.61 9.18
C ALA A 187 -16.97 -2.34 9.44
N GLY A 188 -16.10 -3.03 8.71
CA GLY A 188 -14.67 -2.79 8.85
C GLY A 188 -14.40 -1.34 8.50
N ILE A 189 -15.04 -0.87 7.45
CA ILE A 189 -14.75 0.48 6.96
C ILE A 189 -15.34 1.55 7.85
N THR A 190 -16.64 1.43 8.14
CA THR A 190 -17.30 2.42 8.99
C THR A 190 -16.73 2.41 10.42
N ARG A 191 -16.25 1.25 10.87
CA ARG A 191 -15.51 1.23 12.11
C ARG A 191 -14.26 2.10 11.96
N LEU A 192 -13.51 1.86 10.89
CA LEU A 192 -12.27 2.59 10.73
C LEU A 192 -12.51 4.11 10.77
N CYS A 193 -13.61 4.55 10.17
CA CYS A 193 -13.80 5.98 9.89
C CYS A 193 -14.67 6.80 10.86
N LEU A 194 -15.31 6.15 11.83
CA LEU A 194 -16.22 6.86 12.74
C LEU A 194 -15.80 6.73 14.20
N GLY A 195 -16.10 7.74 15.00
CA GLY A 195 -15.87 7.67 16.44
C GLY A 195 -14.44 7.41 16.91
N GLN A 196 -13.45 7.81 16.10
CA GLN A 196 -12.05 7.58 16.45
C GLN A 196 -11.43 8.78 17.14
N SER A 197 -10.30 8.56 17.79
CA SER A 197 -9.52 9.65 18.38
C SER A 197 -8.15 9.88 17.75
N PHE A 198 -7.73 9.02 16.85
CA PHE A 198 -6.33 9.07 16.42
C PHE A 198 -6.14 10.09 15.31
N LEU A 199 -7.25 10.52 14.75
CA LEU A 199 -7.23 11.48 13.67
C LEU A 199 -8.48 12.27 13.86
N ALA A 200 -8.49 13.50 13.40
CA ALA A 200 -9.72 14.25 13.37
C ALA A 200 -10.38 14.08 12.00
N PHE A 201 -11.45 13.29 11.95
CA PHE A 201 -12.26 13.16 10.75
C PHE A 201 -13.36 14.19 10.84
N ALA A 202 -13.39 15.09 9.87
CA ALA A 202 -14.35 16.19 9.87
C ALA A 202 -14.71 16.59 8.45
N PRO A 203 -15.86 17.26 8.27
CA PRO A 203 -16.31 17.69 6.94
C PRO A 203 -15.30 18.62 6.24
N GLN A 204 -14.45 19.28 7.01
CA GLN A 204 -13.49 20.19 6.42
C GLN A 204 -12.20 19.49 6.01
N MET A 205 -12.03 18.24 6.44
CA MET A 205 -10.83 17.52 6.07
C MET A 205 -10.71 17.39 4.54
N ARG A 206 -9.49 17.49 4.03
CA ARG A 206 -9.23 17.25 2.62
C ARG A 206 -8.18 16.16 2.47
N PHE A 207 -8.63 14.98 2.07
CA PHE A 207 -7.78 13.81 2.17
C PHE A 207 -7.17 13.45 0.83
N LEU A 208 -5.84 13.35 0.82
CA LEU A 208 -5.14 12.97 -0.39
C LEU A 208 -5.42 11.51 -0.76
N VAL A 209 -5.86 11.28 -1.98
CA VAL A 209 -6.14 9.92 -2.44
C VAL A 209 -5.04 9.53 -3.41
N ASN A 210 -4.18 8.66 -2.93
CA ASN A 210 -2.91 8.35 -3.54
C ASN A 210 -2.63 6.84 -3.60
N SER A 211 -2.76 6.20 -2.44
CA SER A 211 -2.41 4.79 -2.27
C SER A 211 -3.04 3.82 -3.27
N PRO A 212 -2.28 2.77 -3.66
CA PRO A 212 -2.79 1.76 -4.57
C PRO A 212 -4.05 1.06 -4.03
N LEU A 213 -5.07 0.98 -4.87
CA LEU A 213 -6.37 0.50 -4.45
C LEU A 213 -6.42 -1.03 -4.39
N SER A 214 -5.33 -1.68 -4.80
CA SER A 214 -5.18 -3.11 -4.51
C SER A 214 -5.05 -3.36 -3.00
N PHE A 215 -4.60 -2.37 -2.23
CA PHE A 215 -4.38 -2.59 -0.81
C PHE A 215 -5.14 -1.58 0.05
N ASP A 216 -4.99 -1.68 1.36
CA ASP A 216 -5.98 -1.09 2.27
C ASP A 216 -5.69 0.30 2.87
N ALA A 217 -4.61 0.97 2.48
CA ALA A 217 -4.47 2.36 2.91
C ALA A 217 -5.47 3.23 2.13
N ALA A 218 -5.72 2.82 0.88
CA ALA A 218 -6.69 3.50 0.03
C ALA A 218 -8.02 3.63 0.76
N THR A 219 -8.39 2.58 1.51
CA THR A 219 -9.63 2.56 2.29
C THR A 219 -9.76 3.78 3.17
N LEU A 220 -8.69 4.08 3.90
CA LEU A 220 -8.65 5.22 4.80
C LEU A 220 -8.78 6.49 3.99
N GLU A 221 -7.96 6.62 2.96
CA GLU A 221 -7.93 7.87 2.21
C GLU A 221 -9.28 8.22 1.56
N ILE A 222 -10.00 7.23 1.07
CA ILE A 222 -11.28 7.46 0.39
C ILE A 222 -12.42 7.61 1.38
N TRP A 223 -12.68 6.53 2.11
CA TRP A 223 -13.85 6.49 2.99
C TRP A 223 -13.71 7.42 4.20
N GLY A 224 -12.49 7.66 4.64
CA GLY A 224 -12.28 8.60 5.71
C GLY A 224 -12.95 9.93 5.36
N ALA A 225 -12.69 10.44 4.16
CA ALA A 225 -13.33 11.68 3.73
C ALA A 225 -14.83 11.51 3.47
N LEU A 226 -15.19 10.53 2.64
CA LEU A 226 -16.57 10.46 2.19
C LEU A 226 -17.57 10.15 3.31
N LEU A 227 -17.12 9.41 4.31
CA LEU A 227 -18.00 9.02 5.41
C LEU A 227 -18.13 10.14 6.44
N ASN A 228 -17.24 11.11 6.35
CA ASN A 228 -17.25 12.30 7.17
C ASN A 228 -17.64 13.66 6.55
N GLY A 229 -18.04 13.64 5.28
CA GLY A 229 -18.42 14.86 4.61
C GLY A 229 -17.25 15.70 4.12
N GLY A 230 -16.04 15.15 4.23
CA GLY A 230 -14.87 15.80 3.69
C GLY A 230 -14.72 15.61 2.19
N CYS A 231 -13.57 16.04 1.67
CA CYS A 231 -13.30 15.97 0.25
C CYS A 231 -12.13 15.04 -0.05
N CYS A 232 -12.29 14.19 -1.06
CA CYS A 232 -11.20 13.40 -1.59
C CYS A 232 -10.46 14.20 -2.65
N VAL A 233 -9.17 14.41 -2.42
CA VAL A 233 -8.35 15.15 -3.34
C VAL A 233 -7.49 14.12 -4.05
N LEU A 234 -7.85 13.82 -5.30
CA LEU A 234 -7.27 12.71 -6.04
C LEU A 234 -5.93 13.07 -6.62
N ASN A 235 -4.95 12.17 -6.54
CA ASN A 235 -3.74 12.48 -7.26
C ASN A 235 -3.90 11.92 -8.67
N ASP A 236 -4.27 12.81 -9.59
CA ASP A 236 -4.25 12.55 -11.02
C ASP A 236 -3.03 13.19 -11.73
N LEU A 237 -2.04 13.63 -10.96
CA LEU A 237 -0.84 14.27 -11.48
C LEU A 237 0.35 13.34 -11.71
N GLY A 238 0.24 12.05 -11.39
CA GLY A 238 1.38 11.16 -11.47
C GLY A 238 1.96 10.79 -10.11
N PRO A 239 3.01 9.96 -10.11
CA PRO A 239 3.56 9.39 -8.87
C PRO A 239 3.84 10.47 -7.86
N LEU A 240 3.63 10.19 -6.59
CA LEU A 240 3.75 11.21 -5.58
C LEU A 240 5.21 11.52 -5.37
N ASP A 241 5.54 12.80 -5.42
CA ASP A 241 6.89 13.26 -5.16
C ASP A 241 6.78 14.70 -4.66
N PRO A 242 7.90 15.32 -4.27
CA PRO A 242 7.75 16.63 -3.63
C PRO A 242 6.90 17.60 -4.44
N GLY A 243 7.17 17.74 -5.74
CA GLY A 243 6.45 18.70 -6.56
C GLY A 243 4.97 18.43 -6.70
N VAL A 244 4.60 17.16 -6.86
CA VAL A 244 3.21 16.77 -7.00
C VAL A 244 2.47 16.95 -5.68
N LEU A 245 3.09 16.53 -4.59
CA LEU A 245 2.50 16.72 -3.27
C LEU A 245 2.27 18.21 -2.98
N ARG A 246 3.29 19.02 -3.21
CA ARG A 246 3.21 20.46 -3.06
C ARG A 246 2.04 20.98 -3.87
N GLN A 247 1.90 20.45 -5.07
CA GLN A 247 0.82 20.90 -5.93
C GLN A 247 -0.57 20.51 -5.38
N LEU A 248 -0.71 19.28 -4.88
CA LEU A 248 -2.00 18.80 -4.34
C LEU A 248 -2.39 19.53 -3.07
N ILE A 249 -1.39 19.92 -2.28
CA ILE A 249 -1.62 20.72 -1.08
C ILE A 249 -1.97 22.16 -1.43
N GLY A 250 -1.13 22.80 -2.23
CA GLY A 250 -1.30 24.19 -2.58
C GLY A 250 -2.51 24.50 -3.43
N GLU A 251 -2.65 23.82 -4.57
CA GLU A 251 -3.74 24.13 -5.49
C GLU A 251 -5.05 23.52 -5.07
N ARG A 252 -5.01 22.27 -4.60
CA ARG A 252 -6.25 21.58 -4.26
C ARG A 252 -6.62 21.53 -2.77
N GLY A 253 -5.72 22.02 -1.93
CA GLY A 253 -6.01 22.12 -0.51
C GLY A 253 -6.00 20.85 0.32
N ALA A 254 -5.27 19.82 -0.12
CA ALA A 254 -5.16 18.59 0.69
C ALA A 254 -4.56 18.93 2.05
N ASP A 255 -5.28 18.66 3.12
CA ASP A 255 -4.73 18.84 4.48
C ASP A 255 -4.39 17.57 5.26
N SER A 256 -4.70 16.42 4.68
CA SER A 256 -4.64 15.16 5.39
C SER A 256 -4.13 14.10 4.44
N ALA A 257 -3.22 13.26 4.91
CA ALA A 257 -2.63 12.29 4.01
C ALA A 257 -2.10 11.05 4.70
N TRP A 258 -2.00 9.95 3.95
CA TRP A 258 -1.28 8.75 4.38
C TRP A 258 -0.08 8.57 3.46
N LEU A 259 1.05 8.18 4.01
CA LEU A 259 2.22 7.88 3.19
C LEU A 259 2.90 6.68 3.78
N THR A 260 3.13 5.65 2.98
CA THR A 260 3.81 4.46 3.50
C THR A 260 5.15 4.91 4.04
N ALA A 261 5.63 4.25 5.10
CA ALA A 261 6.78 4.76 5.83
C ALA A 261 7.94 5.18 4.92
N SER A 262 8.33 4.33 3.98
CA SER A 262 9.51 4.63 3.17
C SER A 262 9.31 5.74 2.13
N LEU A 263 8.06 6.02 1.77
CA LEU A 263 7.76 7.16 0.91
C LEU A 263 7.88 8.44 1.73
N PHE A 264 7.33 8.39 2.94
CA PHE A 264 7.48 9.47 3.89
C PHE A 264 8.96 9.76 4.07
N ASN A 265 9.76 8.70 4.25
CA ASN A 265 11.19 8.84 4.43
C ASN A 265 11.81 9.54 3.24
N THR A 266 11.52 9.03 2.04
CA THR A 266 12.03 9.67 0.82
C THR A 266 11.68 11.17 0.72
N LEU A 267 10.39 11.51 0.83
CA LEU A 267 9.97 12.90 0.80
C LEU A 267 10.68 13.78 1.82
N VAL A 268 10.72 13.33 3.07
CA VAL A 268 11.43 14.06 4.12
C VAL A 268 12.92 14.29 3.81
N ASP A 269 13.56 13.31 3.19
CA ASP A 269 14.95 13.49 2.85
C ASP A 269 15.12 14.46 1.68
N LEU A 270 14.28 14.34 0.65
CA LEU A 270 14.38 15.21 -0.51
C LEU A 270 13.96 16.66 -0.24
N ASP A 271 12.75 16.84 0.27
CA ASP A 271 12.13 18.15 0.43
C ASP A 271 11.21 18.19 1.65
N PRO A 272 11.77 18.36 2.86
CA PRO A 272 10.92 18.32 4.05
C PRO A 272 9.76 19.33 4.04
N ASP A 273 9.99 20.50 3.47
CA ASP A 273 8.93 21.51 3.36
C ASP A 273 7.80 21.09 2.43
N CYS A 274 7.99 20.03 1.66
CA CYS A 274 6.90 19.57 0.83
C CYS A 274 5.75 19.08 1.70
N LEU A 275 6.03 18.75 2.96
CA LEU A 275 4.94 18.44 3.91
C LEU A 275 4.16 19.67 4.41
N GLY A 276 4.74 20.85 4.26
CA GLY A 276 4.05 22.07 4.67
C GLY A 276 2.63 22.16 4.14
N GLY A 277 1.70 22.57 5.01
CA GLY A 277 0.31 22.74 4.63
C GLY A 277 -0.58 21.60 5.10
N LEU A 278 0.01 20.46 5.42
CA LEU A 278 -0.74 19.33 5.94
C LEU A 278 -1.03 19.59 7.41
N ARG A 279 -2.28 19.40 7.84
CA ARG A 279 -2.62 19.38 9.25
C ARG A 279 -2.40 17.98 9.83
N GLN A 280 -2.73 16.97 9.05
CA GLN A 280 -2.70 15.60 9.54
C GLN A 280 -1.97 14.66 8.59
N LEU A 281 -1.03 13.92 9.14
CA LEU A 281 -0.26 12.98 8.36
C LEU A 281 -0.16 11.66 9.09
N LEU A 282 -0.49 10.57 8.39
CA LEU A 282 -0.30 9.24 8.93
C LEU A 282 0.74 8.53 8.09
N THR A 283 1.54 7.73 8.77
CA THR A 283 2.48 6.86 8.09
C THR A 283 2.62 5.56 8.90
N GLY A 284 3.33 4.60 8.35
CA GLY A 284 3.24 3.25 8.88
C GLY A 284 3.35 2.29 7.73
N GLY A 285 2.92 1.06 7.96
CA GLY A 285 3.01 0.02 6.95
C GLY A 285 4.29 -0.76 7.09
N ASP A 286 5.22 -0.16 7.84
CA ASP A 286 6.47 -0.80 8.23
C ASP A 286 7.01 -0.03 9.41
N ILE A 287 8.13 -0.49 9.96
CA ILE A 287 8.71 0.13 11.13
C ILE A 287 9.14 1.53 10.76
N LEU A 288 8.65 2.52 11.50
CA LEU A 288 8.95 3.92 11.22
C LEU A 288 10.40 4.25 11.52
N SER A 289 11.01 5.08 10.68
CA SER A 289 12.35 5.58 10.90
C SER A 289 12.33 6.80 11.83
N VAL A 290 12.92 6.65 13.02
CA VAL A 290 12.85 7.73 14.00
C VAL A 290 13.54 9.02 13.57
N PRO A 291 14.71 8.92 12.91
CA PRO A 291 15.36 10.13 12.40
C PRO A 291 14.50 10.97 11.44
N HIS A 292 13.83 10.30 10.51
CA HIS A 292 12.99 10.98 9.53
C HIS A 292 11.76 11.58 10.19
N VAL A 293 11.19 10.84 11.14
CA VAL A 293 10.06 11.31 11.91
C VAL A 293 10.48 12.58 12.66
N ARG A 294 11.68 12.53 13.24
CA ARG A 294 12.26 13.66 13.95
C ARG A 294 12.38 14.88 13.02
N ARG A 295 12.90 14.67 11.81
CA ARG A 295 13.10 15.79 10.88
C ARG A 295 11.79 16.42 10.40
N ALA A 296 10.81 15.56 10.14
CA ALA A 296 9.51 16.08 9.74
C ALA A 296 8.90 16.88 10.89
N LEU A 297 9.02 16.36 12.10
CA LEU A 297 8.36 17.04 13.22
C LEU A 297 9.02 18.35 13.67
N LEU A 298 10.36 18.41 13.67
CA LEU A 298 10.98 19.66 14.04
C LEU A 298 10.81 20.65 12.89
N ARG A 299 10.71 20.12 11.67
CA ARG A 299 10.39 21.00 10.54
C ARG A 299 8.96 21.54 10.57
N HIS A 300 8.03 20.75 11.11
CA HIS A 300 6.63 21.10 11.12
C HIS A 300 6.02 20.82 12.48
N PRO A 301 6.36 21.65 13.46
CA PRO A 301 6.00 21.46 14.87
C PRO A 301 4.50 21.28 15.13
N ARG A 302 3.64 21.91 14.34
CA ARG A 302 2.18 21.79 14.53
C ARG A 302 1.54 20.56 13.87
N LEU A 303 2.32 19.77 13.14
CA LEU A 303 1.75 18.64 12.40
C LEU A 303 1.25 17.55 13.36
N HIS A 304 0.05 17.05 13.10
CA HIS A 304 -0.48 15.95 13.85
C HIS A 304 -0.07 14.70 13.08
N LEU A 305 0.89 13.96 13.64
CA LEU A 305 1.48 12.85 12.92
C LEU A 305 1.11 11.58 13.64
N VAL A 306 0.78 10.53 12.89
CA VAL A 306 0.30 9.30 13.48
C VAL A 306 1.02 8.10 12.88
N ASN A 307 1.40 7.17 13.74
CA ASN A 307 1.90 5.87 13.29
C ASN A 307 0.74 4.88 13.28
N GLY A 308 0.27 4.54 12.08
CA GLY A 308 -0.76 3.53 11.93
C GLY A 308 -0.20 2.13 11.75
N TYR A 309 -0.79 1.15 12.41
CA TYR A 309 -0.35 -0.23 12.26
C TYR A 309 -1.55 -1.13 11.98
N GLY A 310 -1.41 -2.03 11.03
CA GLY A 310 -2.31 -3.19 11.01
C GLY A 310 -2.21 -4.04 9.77
N PRO A 311 -2.61 -5.31 9.89
CA PRO A 311 -2.69 -6.22 8.75
C PRO A 311 -3.99 -6.03 7.97
N THR A 312 -3.96 -6.32 6.67
CA THR A 312 -5.16 -6.32 5.82
C THR A 312 -6.32 -7.11 6.44
N GLU A 313 -6.01 -8.22 7.07
CA GLU A 313 -7.02 -9.08 7.68
C GLU A 313 -7.91 -8.38 8.71
N ASN A 314 -7.36 -7.37 9.36
CA ASN A 314 -8.08 -6.49 10.29
C ASN A 314 -8.51 -5.12 9.71
N THR A 315 -8.45 -4.99 8.40
CA THR A 315 -8.94 -3.77 7.74
C THR A 315 -8.21 -2.46 8.02
N THR A 316 -7.08 -2.25 7.34
CA THR A 316 -6.39 -0.96 7.51
C THR A 316 -5.68 -0.81 8.86
N PHE A 317 -6.33 -0.26 9.86
CA PHE A 317 -5.68 -0.12 11.18
C PHE A 317 -6.08 -1.12 12.25
N THR A 318 -5.10 -1.48 13.09
CA THR A 318 -5.34 -2.23 14.32
C THR A 318 -5.01 -1.34 15.50
N CYS A 319 -3.77 -0.87 15.52
CA CYS A 319 -3.34 0.15 16.48
C CYS A 319 -2.83 1.41 15.78
N CYS A 320 -3.02 2.54 16.45
CA CYS A 320 -2.47 3.80 15.99
C CYS A 320 -1.91 4.56 17.17
N HIS A 321 -0.87 5.37 16.92
CA HIS A 321 -0.25 6.16 17.96
C HIS A 321 0.02 7.57 17.46
N VAL A 322 -0.50 8.56 18.18
CA VAL A 322 -0.18 9.95 17.87
C VAL A 322 1.19 10.23 18.44
N VAL A 323 2.09 10.74 17.59
CA VAL A 323 3.48 10.95 17.96
C VAL A 323 3.68 12.19 18.83
N THR A 324 4.55 12.08 19.84
CA THR A 324 4.86 13.17 20.76
C THR A 324 6.35 13.48 20.75
N ASP A 325 6.71 14.65 21.29
CA ASP A 325 8.12 15.05 21.47
C ASP A 325 8.94 13.96 22.12
N ASP A 326 8.43 13.45 23.24
CA ASP A 326 9.14 12.43 24.01
C ASP A 326 9.47 11.21 23.19
N ASP A 327 8.61 10.90 22.22
CA ASP A 327 8.80 9.71 21.41
C ASP A 327 10.02 9.87 20.53
N LEU A 328 10.36 11.12 20.20
CA LEU A 328 11.50 11.37 19.33
C LEU A 328 12.85 10.95 19.93
N GLU A 329 12.89 10.61 21.21
CA GLU A 329 14.10 10.07 21.83
C GLU A 329 14.13 8.56 21.92
N GLU A 330 13.02 7.91 21.55
CA GLU A 330 12.96 6.45 21.64
C GLU A 330 13.71 5.82 20.48
N ASP A 331 14.09 4.56 20.64
CA ASP A 331 14.65 3.78 19.54
C ASP A 331 13.59 3.40 18.50
N ASP A 332 12.32 3.48 18.87
CA ASP A 332 11.23 3.14 17.97
C ASP A 332 10.01 3.94 18.35
N ILE A 333 9.20 4.32 17.37
CA ILE A 333 7.95 5.01 17.63
C ILE A 333 6.91 3.97 18.03
N PRO A 334 6.18 4.23 19.13
CA PRO A 334 5.19 3.24 19.56
C PRO A 334 4.17 3.03 18.46
N ILE A 335 3.58 1.84 18.36
CA ILE A 335 2.41 1.68 17.51
C ILE A 335 1.13 1.92 18.31
N GLY A 336 1.29 2.26 19.58
CA GLY A 336 0.18 2.73 20.40
C GLY A 336 -0.86 1.72 20.85
N LYS A 337 -2.11 2.01 20.51
CA LYS A 337 -3.26 1.28 21.04
C LYS A 337 -4.34 0.98 20.00
N ALA A 338 -5.26 0.11 20.38
CA ALA A 338 -6.35 -0.33 19.54
C ALA A 338 -7.21 0.86 19.13
N ILE A 339 -7.61 0.92 17.86
CA ILE A 339 -8.56 1.95 17.44
C ILE A 339 -9.95 1.55 17.88
N ALA A 340 -10.87 2.51 17.91
CA ALA A 340 -12.26 2.21 18.22
C ALA A 340 -12.79 1.08 17.33
N GLY A 341 -13.51 0.12 17.94
CA GLY A 341 -14.12 -0.95 17.18
C GLY A 341 -13.18 -2.13 17.03
N THR A 342 -12.01 -2.00 17.61
CA THR A 342 -11.02 -3.07 17.60
C THR A 342 -10.50 -3.27 19.02
N ALA A 343 -9.97 -4.45 19.29
CA ALA A 343 -9.32 -4.69 20.56
C ALA A 343 -8.12 -5.55 20.25
N VAL A 344 -7.05 -5.42 21.03
CA VAL A 344 -5.93 -6.33 20.90
C VAL A 344 -5.55 -6.95 22.22
N LEU A 345 -4.93 -8.12 22.14
CA LEU A 345 -4.25 -8.72 23.28
C LEU A 345 -2.84 -9.07 22.87
N LEU A 346 -1.94 -9.07 23.85
CA LEU A 346 -0.61 -9.63 23.63
C LEU A 346 -0.55 -11.00 24.30
N LEU A 347 -0.26 -12.05 23.51
CA LEU A 347 -0.24 -13.42 24.01
C LEU A 347 1.15 -14.04 24.11
N ASP A 348 1.38 -14.76 25.22
CA ASP A 348 2.63 -15.50 25.39
C ASP A 348 2.59 -16.79 24.58
N GLU A 349 3.67 -17.57 24.65
CA GLU A 349 3.77 -18.84 23.95
C GLU A 349 2.69 -19.82 24.39
N HIS A 350 2.16 -19.59 25.59
CA HIS A 350 1.17 -20.50 26.16
C HIS A 350 -0.28 -20.08 25.93
N GLY A 351 -0.47 -18.87 25.41
CA GLY A 351 -1.81 -18.42 25.03
C GLY A 351 -2.46 -17.53 26.07
N GLN A 352 -1.72 -17.22 27.13
CA GLN A 352 -2.25 -16.35 28.17
C GLN A 352 -1.83 -14.90 27.92
N GLU A 353 -2.71 -13.96 28.24
CA GLU A 353 -2.40 -12.57 27.94
C GLU A 353 -1.30 -11.98 28.83
N ILE A 354 -0.39 -11.26 28.20
CA ILE A 354 0.66 -10.53 28.90
C ILE A 354 0.11 -9.20 29.42
N ALA A 355 0.14 -9.04 30.74
CA ALA A 355 -0.40 -7.83 31.38
C ALA A 355 0.63 -6.79 31.80
N GLU A 356 1.91 -7.07 31.59
CA GLU A 356 2.98 -6.26 32.17
C GLU A 356 3.91 -5.68 31.10
N PRO A 357 4.70 -4.66 31.48
CA PRO A 357 5.60 -4.10 30.47
C PRO A 357 6.71 -5.03 30.06
N ASP A 358 7.45 -4.61 29.05
CA ASP A 358 8.72 -5.24 28.63
C ASP A 358 8.75 -6.77 28.51
N ARG A 359 7.63 -7.36 28.12
CA ARG A 359 7.58 -8.80 27.91
C ARG A 359 6.94 -9.08 26.55
N ALA A 360 7.70 -9.71 25.66
CA ALA A 360 7.32 -9.87 24.26
C ALA A 360 6.32 -10.99 24.01
N GLY A 361 5.38 -10.74 23.10
CA GLY A 361 4.40 -11.74 22.69
C GLY A 361 3.78 -11.44 21.33
N GLU A 362 2.76 -12.22 20.97
CA GLU A 362 2.07 -12.01 19.69
C GLU A 362 0.86 -11.09 19.79
N ILE A 363 0.70 -10.20 18.80
CA ILE A 363 -0.49 -9.37 18.72
C ILE A 363 -1.68 -10.13 18.15
N VAL A 364 -2.81 -10.05 18.87
CA VAL A 364 -4.03 -10.75 18.50
C VAL A 364 -5.16 -9.73 18.45
N ALA A 365 -6.03 -9.85 17.46
CA ALA A 365 -6.99 -8.79 17.21
C ALA A 365 -8.43 -9.27 17.22
N PHE A 366 -9.30 -8.41 17.73
CA PHE A 366 -10.71 -8.67 17.84
C PHE A 366 -11.45 -7.47 17.31
N GLY A 367 -12.74 -7.63 17.08
CA GLY A 367 -13.59 -6.50 16.79
C GLY A 367 -14.08 -6.37 15.37
N ALA A 368 -14.59 -5.18 15.07
CA ALA A 368 -15.35 -4.94 13.86
C ALA A 368 -14.50 -4.89 12.59
N GLY A 369 -13.17 -4.89 12.73
CA GLY A 369 -12.28 -4.89 11.59
C GLY A 369 -11.93 -6.25 11.00
N LEU A 370 -12.42 -7.31 11.63
CA LEU A 370 -12.01 -8.65 11.22
C LEU A 370 -12.60 -9.00 9.87
N ALA A 371 -11.76 -9.51 8.99
CA ALA A 371 -12.19 -9.85 7.64
C ALA A 371 -12.81 -11.22 7.64
N GLN A 372 -13.35 -11.61 6.50
CA GLN A 372 -14.09 -12.87 6.41
C GLN A 372 -13.24 -14.10 6.75
N GLY A 373 -12.04 -14.16 6.18
CA GLY A 373 -11.15 -15.28 6.32
C GLY A 373 -10.39 -15.32 5.01
N TYR A 374 -9.72 -16.42 4.70
CA TYR A 374 -9.09 -16.51 3.39
C TYR A 374 -9.91 -17.35 2.41
N ARG A 375 -10.51 -16.69 1.44
CA ARG A 375 -11.34 -17.39 0.47
C ARG A 375 -10.58 -18.54 -0.17
N ASN A 376 -11.20 -19.71 -0.16
CA ASN A 376 -10.63 -20.92 -0.76
C ASN A 376 -9.35 -21.40 -0.10
N ASP A 377 -9.08 -20.98 1.14
CA ASP A 377 -8.03 -21.63 1.90
C ASP A 377 -8.52 -21.86 3.33
N ALA A 378 -8.83 -23.12 3.64
CA ALA A 378 -9.47 -23.44 4.91
C ALA A 378 -8.43 -23.53 6.01
N ALA A 379 -7.27 -24.05 5.65
CA ALA A 379 -6.14 -24.22 6.56
C ALA A 379 -5.61 -22.88 7.10
N ARG A 380 -5.24 -21.97 6.21
CA ARG A 380 -4.78 -20.64 6.64
C ARG A 380 -5.83 -20.01 7.53
N THR A 381 -7.08 -20.18 7.11
CA THR A 381 -8.21 -19.59 7.83
C THR A 381 -8.33 -20.12 9.25
N ARG A 382 -8.21 -21.43 9.42
CA ARG A 382 -8.34 -22.02 10.73
C ARG A 382 -7.11 -21.72 11.58
N ALA A 383 -6.00 -21.47 10.90
CA ALA A 383 -4.75 -21.24 11.60
C ALA A 383 -4.71 -19.87 12.25
N SER A 384 -5.00 -18.82 11.48
CA SER A 384 -5.00 -17.48 12.07
C SER A 384 -6.33 -16.86 12.50
N PHE A 385 -7.45 -17.41 12.06
CA PHE A 385 -8.75 -16.88 12.46
C PHE A 385 -9.35 -17.88 13.42
N VAL A 386 -9.41 -17.51 14.69
CA VAL A 386 -9.67 -18.46 15.77
C VAL A 386 -10.65 -17.86 16.73
N GLU A 387 -11.14 -18.63 17.70
CA GLU A 387 -11.88 -18.03 18.82
C GLU A 387 -10.97 -18.00 20.04
N LEU A 388 -10.99 -16.90 20.77
CA LEU A 388 -10.17 -16.72 21.95
C LEU A 388 -10.93 -15.86 22.94
N PRO A 389 -10.70 -16.09 24.23
CA PRO A 389 -11.45 -15.31 25.23
C PRO A 389 -11.00 -13.85 25.24
N TYR A 390 -11.95 -12.94 25.25
CA TYR A 390 -11.63 -11.54 25.49
C TYR A 390 -12.51 -11.07 26.64
N ARG A 391 -11.89 -10.45 27.64
CA ARG A 391 -12.57 -10.19 28.90
C ARG A 391 -13.29 -11.47 29.28
N GLY A 392 -14.59 -11.37 29.52
CA GLY A 392 -15.38 -12.55 29.79
C GLY A 392 -15.64 -13.39 28.56
N ARG A 393 -16.11 -12.72 27.50
CA ARG A 393 -16.66 -13.38 26.32
C ARG A 393 -15.59 -14.14 25.54
N LEU A 394 -16.04 -15.12 24.77
CA LEU A 394 -15.19 -15.84 23.82
C LEU A 394 -15.46 -15.29 22.41
N LEU A 395 -14.47 -14.58 21.85
CA LEU A 395 -14.70 -13.83 20.61
C LEU A 395 -13.88 -14.34 19.45
N ARG A 396 -14.38 -14.08 18.26
CA ARG A 396 -13.61 -14.32 17.05
C ARG A 396 -12.39 -13.41 17.08
N ALA A 397 -11.26 -13.95 16.65
CA ALA A 397 -10.01 -13.23 16.71
C ALA A 397 -9.18 -13.58 15.49
N TYR A 398 -8.20 -12.72 15.21
CA TYR A 398 -7.17 -13.02 14.23
C TYR A 398 -5.79 -12.83 14.82
N ARG A 399 -4.92 -13.82 14.61
CA ARG A 399 -3.54 -13.79 15.09
C ARG A 399 -2.62 -13.14 14.06
N THR A 400 -2.01 -12.01 14.42
CA THR A 400 -1.29 -11.22 13.45
C THR A 400 0.02 -11.85 13.04
N GLY A 401 0.68 -12.50 13.99
CA GLY A 401 2.01 -13.02 13.74
C GLY A 401 3.06 -11.95 13.98
N ASP A 402 2.61 -10.82 14.51
CA ASP A 402 3.49 -9.72 14.86
C ASP A 402 3.84 -9.80 16.34
N ARG A 403 5.14 -9.81 16.62
CA ARG A 403 5.63 -9.77 17.99
C ARG A 403 5.79 -8.32 18.42
N ALA A 404 5.16 -7.99 19.54
CA ALA A 404 5.32 -6.69 20.16
C ALA A 404 5.49 -6.83 21.68
N ARG A 405 5.60 -5.68 22.36
CA ARG A 405 5.79 -5.64 23.82
C ARG A 405 5.14 -4.36 24.35
N TYR A 406 4.67 -4.37 25.60
CA TYR A 406 4.18 -3.14 26.21
C TYR A 406 5.28 -2.28 26.81
N ASP A 407 5.04 -0.98 26.87
CA ASP A 407 5.99 -0.07 27.49
C ASP A 407 5.39 0.46 28.79
N GLU A 408 6.13 1.32 29.48
CA GLU A 408 5.67 1.82 30.77
C GLU A 408 4.21 2.32 30.69
N GLN A 409 3.87 2.98 29.58
CA GLN A 409 2.57 3.67 29.48
C GLN A 409 1.42 2.82 28.96
N GLY A 410 1.70 1.54 28.73
CA GLY A 410 0.71 0.64 28.18
C GLY A 410 0.52 0.81 26.68
N ARG A 411 1.55 1.31 26.01
CA ARG A 411 1.51 1.46 24.56
C ARG A 411 2.31 0.33 23.94
N LEU A 412 1.84 -0.17 22.81
CA LEU A 412 2.52 -1.26 22.11
C LEU A 412 3.74 -0.81 21.35
N ARG A 413 4.74 -1.66 21.35
CA ARG A 413 6.04 -1.36 20.75
C ARG A 413 6.38 -2.53 19.84
N PHE A 414 6.49 -2.24 18.55
CA PHE A 414 6.59 -3.29 17.56
C PHE A 414 7.97 -3.92 17.60
N ILE A 415 8.02 -5.24 17.68
CA ILE A 415 9.30 -5.95 17.61
C ILE A 415 9.56 -6.51 16.21
N GLY A 416 8.69 -7.39 15.73
CA GLY A 416 8.93 -7.96 14.40
C GLY A 416 8.28 -9.30 14.18
N ARG A 417 8.79 -10.10 13.24
CA ARG A 417 8.10 -11.36 12.89
C ARG A 417 8.93 -12.63 12.98
N GLY A 418 8.26 -13.74 13.27
CA GLY A 418 8.92 -15.04 13.38
C GLY A 418 9.02 -15.82 12.09
N ASP A 419 8.07 -15.59 11.19
CA ASP A 419 8.11 -16.22 9.87
C ASP A 419 8.94 -15.36 8.92
N GLY A 420 8.91 -15.69 7.64
CA GLY A 420 9.77 -14.99 6.71
C GLY A 420 9.12 -13.82 5.99
N GLN A 421 7.98 -13.37 6.48
CA GLN A 421 7.25 -12.28 5.85
C GLN A 421 7.92 -10.93 6.02
N VAL A 422 8.05 -10.21 4.92
CA VAL A 422 8.67 -8.89 4.95
C VAL A 422 7.77 -7.83 4.30
N LYS A 423 7.96 -6.59 4.69
CA LYS A 423 7.30 -5.49 4.01
C LYS A 423 8.33 -4.93 3.06
N LEU A 424 7.96 -4.77 1.80
CA LEU A 424 8.86 -4.13 0.86
C LEU A 424 8.24 -2.79 0.45
N ASN A 425 8.70 -1.73 1.06
CA ASN A 425 8.12 -0.42 0.85
C ASN A 425 6.59 -0.39 0.99
N GLY A 426 6.09 -1.12 1.98
CA GLY A 426 4.66 -1.14 2.27
C GLY A 426 3.94 -2.34 1.68
N TYR A 427 4.62 -3.07 0.81
CA TYR A 427 4.04 -4.24 0.16
C TYR A 427 4.33 -5.47 1.03
N ARG A 428 3.34 -6.35 1.19
CA ARG A 428 3.51 -7.58 1.97
C ARG A 428 3.95 -8.81 1.14
N LEU A 429 5.11 -9.37 1.49
CA LEU A 429 5.67 -10.52 0.80
C LEU A 429 5.93 -11.67 1.74
N ASP A 430 5.60 -12.90 1.33
CA ASP A 430 6.20 -14.03 2.02
C ASP A 430 7.46 -14.41 1.25
N LEU A 431 8.60 -14.05 1.84
CA LEU A 431 9.87 -14.14 1.15
C LEU A 431 10.30 -15.60 0.92
N PRO A 432 10.16 -16.46 1.94
CA PRO A 432 10.54 -17.85 1.73
C PRO A 432 9.83 -18.48 0.54
N ALA A 433 8.51 -18.33 0.43
CA ALA A 433 7.79 -18.90 -0.71
C ALA A 433 8.27 -18.35 -2.05
N LEU A 434 8.60 -17.07 -2.11
CA LEU A 434 9.11 -16.46 -3.34
C LEU A 434 10.48 -17.05 -3.70
N GLU A 435 11.31 -17.21 -2.69
CA GLU A 435 12.64 -17.79 -2.83
C GLU A 435 12.50 -19.18 -3.44
N GLN A 436 11.65 -19.99 -2.81
CA GLN A 436 11.38 -21.35 -3.27
C GLN A 436 10.87 -21.32 -4.70
N ARG A 437 10.06 -20.32 -5.01
CA ARG A 437 9.58 -20.15 -6.37
C ARG A 437 10.76 -20.00 -7.33
N PHE A 438 11.78 -19.22 -6.93
CA PHE A 438 12.98 -19.10 -7.76
C PHE A 438 13.74 -20.42 -7.89
N ARG A 439 13.82 -21.21 -6.82
CA ARG A 439 14.53 -22.49 -6.88
C ARG A 439 13.94 -23.44 -7.90
N ARG A 440 12.61 -23.43 -8.01
CA ARG A 440 11.89 -24.32 -8.91
C ARG A 440 12.22 -24.06 -10.38
N GLN A 441 12.79 -22.90 -10.69
CA GLN A 441 13.05 -22.56 -12.08
C GLN A 441 14.10 -23.50 -12.68
N PRO A 442 13.89 -23.84 -13.96
CA PRO A 442 14.77 -24.81 -14.62
C PRO A 442 16.20 -24.28 -14.69
N GLY A 443 17.14 -25.08 -14.20
CA GLY A 443 18.54 -24.76 -14.31
C GLY A 443 19.01 -23.92 -13.14
N ILE A 444 18.13 -23.70 -12.18
CA ILE A 444 18.51 -22.95 -10.98
C ILE A 444 18.66 -23.88 -9.79
N LEU A 445 19.85 -23.88 -9.22
CA LEU A 445 20.16 -24.75 -8.09
C LEU A 445 19.66 -24.13 -6.79
N ASP A 446 20.22 -22.98 -6.41
CA ASP A 446 19.83 -22.30 -5.19
C ASP A 446 19.44 -20.86 -5.44
N CYS A 447 18.71 -20.28 -4.47
CA CYS A 447 18.37 -18.86 -4.52
C CYS A 447 18.29 -18.24 -3.12
N ALA A 448 18.84 -17.04 -2.98
CA ALA A 448 18.75 -16.27 -1.75
C ALA A 448 18.07 -14.92 -1.99
N LEU A 449 17.02 -14.66 -1.22
CA LEU A 449 16.33 -13.37 -1.28
C LEU A 449 16.60 -12.50 -0.04
N LEU A 450 17.02 -11.25 -0.26
CA LEU A 450 17.27 -10.33 0.83
C LEU A 450 16.51 -9.03 0.64
N VAL A 451 16.00 -8.46 1.73
CA VAL A 451 15.49 -7.10 1.68
C VAL A 451 16.47 -6.17 2.41
N ARG A 452 16.88 -5.09 1.74
CA ARG A 452 17.88 -4.15 2.24
C ARG A 452 17.27 -2.80 2.64
N GLU A 453 17.81 -2.17 3.68
CA GLU A 453 17.27 -0.93 4.30
C GLU A 453 17.87 0.39 3.80
N ARG A 454 18.63 0.34 2.71
CA ARG A 454 19.29 1.49 2.14
C ARG A 454 18.40 2.75 1.96
N ASN A 455 18.94 3.90 2.36
CA ASN A 455 18.38 5.23 2.09
C ASN A 455 16.96 5.54 2.58
N GLY A 456 16.57 5.03 3.74
CA GLY A 456 15.20 5.17 4.21
C GLY A 456 14.23 4.22 3.49
N VAL A 457 14.76 3.48 2.52
CA VAL A 457 13.96 2.70 1.59
C VAL A 457 14.40 1.22 1.57
N LYS A 458 13.54 0.36 1.04
CA LYS A 458 13.84 -1.06 0.96
C LYS A 458 14.15 -1.50 -0.47
N GLN A 459 15.02 -2.49 -0.61
CA GLN A 459 15.36 -3.09 -1.89
C GLN A 459 15.21 -4.61 -1.81
N LEU A 460 14.72 -5.23 -2.88
CA LEU A 460 14.63 -6.68 -2.91
C LEU A 460 15.71 -7.22 -3.83
N LEU A 461 16.66 -7.92 -3.23
CA LEU A 461 17.84 -8.39 -3.91
C LEU A 461 17.81 -9.90 -3.99
N CYS A 462 18.14 -10.40 -5.17
CA CYS A 462 18.07 -11.83 -5.45
C CYS A 462 19.39 -12.36 -5.99
N ALA A 463 20.01 -13.29 -5.27
CA ALA A 463 21.23 -13.94 -5.75
C ALA A 463 20.96 -15.41 -6.01
N TRP A 464 21.28 -15.90 -7.21
CA TRP A 464 20.98 -17.29 -7.54
C TRP A 464 22.19 -18.02 -8.10
N THR A 465 22.18 -19.35 -7.98
CA THR A 465 23.24 -20.17 -8.57
C THR A 465 22.62 -21.16 -9.54
N GLY A 466 23.41 -21.59 -10.51
CA GLY A 466 22.95 -22.53 -11.50
C GLY A 466 23.64 -22.31 -12.83
N LYS A 467 23.03 -22.82 -13.90
CA LYS A 467 23.57 -22.63 -15.25
C LYS A 467 23.66 -21.14 -15.59
N ALA A 468 24.73 -20.76 -16.28
CA ALA A 468 25.00 -19.36 -16.58
C ALA A 468 23.94 -18.74 -17.46
N ASP A 469 23.17 -19.59 -18.14
CA ASP A 469 22.13 -19.12 -19.05
C ASP A 469 20.76 -19.11 -18.38
N ALA A 470 20.75 -19.46 -17.09
CA ALA A 470 19.51 -19.83 -16.40
C ALA A 470 18.71 -18.70 -15.77
N SER A 471 19.12 -17.46 -16.02
CA SER A 471 18.41 -16.32 -15.45
C SER A 471 16.91 -16.49 -15.65
N PRO A 472 16.11 -16.25 -14.59
CA PRO A 472 14.69 -16.64 -14.54
C PRO A 472 13.76 -15.56 -15.09
N GLN A 473 13.91 -15.20 -16.36
CA GLN A 473 13.16 -14.07 -16.90
C GLN A 473 11.68 -14.37 -17.05
N ALA A 474 11.37 -15.62 -17.37
CA ALA A 474 9.96 -16.05 -17.43
C ALA A 474 9.27 -15.79 -16.09
N LEU A 475 9.88 -16.31 -15.02
CA LEU A 475 9.32 -16.16 -13.69
C LEU A 475 9.08 -14.68 -13.41
N LEU A 476 10.10 -13.85 -13.64
CA LEU A 476 9.94 -12.41 -13.40
C LEU A 476 8.78 -11.81 -14.19
N ARG A 477 8.59 -12.24 -15.43
CA ARG A 477 7.46 -11.75 -16.21
C ARG A 477 6.16 -12.22 -15.60
N GLN A 478 6.21 -13.30 -14.83
CA GLN A 478 4.99 -13.80 -14.19
C GLN A 478 4.70 -13.17 -12.83
N LEU A 479 5.70 -12.49 -12.27
CA LEU A 479 5.52 -11.92 -10.96
C LEU A 479 4.81 -10.58 -11.05
N PRO A 480 3.88 -10.31 -10.12
CA PRO A 480 3.38 -8.93 -10.05
C PRO A 480 4.56 -8.01 -9.78
N THR A 481 4.53 -6.82 -10.38
CA THR A 481 5.67 -5.89 -10.40
C THR A 481 6.31 -5.68 -9.04
N TRP A 482 5.48 -5.56 -8.02
CA TRP A 482 5.96 -5.33 -6.68
C TRP A 482 6.66 -6.53 -6.06
N GLN A 483 6.57 -7.69 -6.72
CA GLN A 483 7.29 -8.88 -6.23
C GLN A 483 8.61 -9.17 -6.94
N ARG A 484 8.95 -8.38 -7.95
CA ARG A 484 10.15 -8.63 -8.74
C ARG A 484 11.37 -8.02 -8.08
N PRO A 485 12.42 -8.81 -7.92
CA PRO A 485 13.66 -8.28 -7.35
C PRO A 485 14.23 -7.11 -8.16
N HIS A 486 14.81 -6.16 -7.45
CA HIS A 486 15.41 -4.99 -8.06
C HIS A 486 16.78 -5.33 -8.64
N ALA A 487 17.39 -6.39 -8.13
CA ALA A 487 18.60 -6.94 -8.70
C ALA A 487 18.54 -8.46 -8.72
N CYS A 488 18.91 -9.06 -9.86
CA CYS A 488 19.12 -10.48 -9.96
C CYS A 488 20.55 -10.75 -10.38
N VAL A 489 21.37 -11.26 -9.47
CA VAL A 489 22.74 -11.61 -9.82
C VAL A 489 22.95 -13.11 -9.78
N ARG A 490 23.69 -13.63 -10.76
CA ARG A 490 24.14 -15.01 -10.68
C ARG A 490 25.44 -15.05 -9.89
N VAL A 491 25.60 -16.07 -9.06
CA VAL A 491 26.77 -16.18 -8.21
C VAL A 491 27.35 -17.59 -8.30
N GLU A 492 28.58 -17.74 -7.81
CA GLU A 492 29.22 -19.05 -7.78
C GLU A 492 28.51 -19.92 -6.76
N ALA A 493 28.35 -19.37 -5.57
CA ALA A 493 27.67 -20.06 -4.48
C ALA A 493 27.10 -19.03 -3.53
N LEU A 494 26.08 -19.45 -2.77
CA LEU A 494 25.57 -18.62 -1.70
C LEU A 494 26.48 -18.84 -0.51
N PRO A 495 27.13 -17.78 -0.01
CA PRO A 495 28.08 -17.95 1.09
C PRO A 495 27.42 -18.54 2.35
N LEU A 496 28.01 -19.61 2.87
CA LEU A 496 27.55 -20.22 4.10
C LEU A 496 28.51 -19.84 5.21
N THR A 497 27.99 -19.67 6.42
CA THR A 497 28.83 -19.43 7.59
C THR A 497 29.29 -20.77 8.15
N ALA A 498 30.09 -20.71 9.21
CA ALA A 498 30.61 -21.93 9.81
C ALA A 498 29.50 -22.76 10.44
N HIS A 499 28.35 -22.12 10.60
CA HIS A 499 27.17 -22.77 11.16
C HIS A 499 26.17 -23.26 10.11
N GLY A 500 26.49 -23.03 8.84
CA GLY A 500 25.66 -23.53 7.76
C GLY A 500 24.58 -22.55 7.33
N LYS A 501 24.56 -21.38 7.94
CA LYS A 501 23.54 -20.38 7.67
C LYS A 501 23.99 -19.42 6.58
N LEU A 502 23.05 -18.97 5.75
CA LEU A 502 23.42 -18.04 4.71
C LEU A 502 24.15 -16.88 5.35
N ASP A 503 25.27 -16.47 4.77
CA ASP A 503 26.02 -15.34 5.30
C ASP A 503 25.54 -14.09 4.55
N ARG A 504 24.77 -13.25 5.24
CA ARG A 504 24.03 -12.20 4.56
C ARG A 504 24.96 -11.05 4.23
N ALA A 505 25.77 -10.67 5.21
CA ALA A 505 26.74 -9.58 5.05
C ALA A 505 27.69 -9.91 3.90
N ALA A 506 28.15 -11.16 3.88
CA ALA A 506 28.96 -11.69 2.81
C ALA A 506 28.28 -11.44 1.48
N LEU A 507 27.03 -11.89 1.38
CA LEU A 507 26.25 -11.75 0.14
C LEU A 507 26.13 -10.30 -0.35
N LEU A 508 25.65 -9.40 0.51
CA LEU A 508 25.53 -7.99 0.16
C LEU A 508 26.87 -7.48 -0.32
N ARG A 509 27.91 -7.91 0.39
CA ARG A 509 29.28 -7.54 0.08
C ARG A 509 29.61 -7.94 -1.36
N ARG A 510 29.27 -9.18 -1.71
CA ARG A 510 29.51 -9.67 -3.05
C ARG A 510 28.77 -8.79 -4.06
N LEU A 511 27.56 -8.36 -3.69
CA LEU A 511 26.70 -7.62 -4.62
C LEU A 511 27.21 -6.23 -5.05
N GLU A 512 28.17 -5.67 -4.32
CA GLU A 512 28.77 -4.37 -4.68
C GLU A 512 29.48 -4.42 -6.05
N LEU A 522 33.20 2.02 -20.15
CA LEU A 522 34.08 3.13 -19.82
C LEU A 522 33.88 4.28 -20.80
N ASP A 523 33.95 5.51 -20.29
CA ASP A 523 33.94 6.71 -21.10
C ASP A 523 34.33 7.88 -20.19
N PRO A 524 34.37 9.10 -20.73
CA PRO A 524 34.62 10.17 -19.75
C PRO A 524 33.48 10.27 -18.73
N ASP A 525 32.24 10.33 -19.21
CA ASP A 525 31.07 10.46 -18.35
C ASP A 525 30.30 9.16 -18.10
N GLN A 526 30.70 8.07 -18.76
CA GLN A 526 30.02 6.80 -18.58
C GLN A 526 30.46 6.14 -17.27
N ARG A 527 31.69 6.42 -16.87
CA ARG A 527 32.24 5.88 -15.63
C ARG A 527 31.78 6.68 -14.41
N GLY A 528 31.31 7.90 -14.63
CA GLY A 528 30.74 8.72 -13.56
C GLY A 528 29.32 8.31 -13.17
N CYS A 529 28.47 8.16 -14.18
CA CYS A 529 27.12 7.64 -13.97
C CYS A 529 27.19 6.35 -13.16
N ALA A 530 28.09 5.45 -13.54
CA ALA A 530 28.17 4.14 -12.91
C ALA A 530 28.81 4.13 -11.50
N GLN A 531 29.52 5.20 -11.12
CA GLN A 531 29.96 5.33 -9.73
C GLN A 531 28.79 5.86 -8.91
N LEU A 532 28.05 6.79 -9.51
CA LEU A 532 26.88 7.37 -8.84
C LEU A 532 25.85 6.28 -8.51
N TRP A 533 25.39 5.60 -9.55
CA TRP A 533 24.50 4.45 -9.41
C TRP A 533 25.02 3.49 -8.35
N SER A 534 26.33 3.27 -8.33
CA SER A 534 26.91 2.34 -7.36
C SER A 534 26.70 2.85 -5.93
N GLU A 535 26.95 4.14 -5.71
CA GLU A 535 26.80 4.70 -4.36
C GLU A 535 25.35 4.72 -3.91
N LEU A 536 24.45 5.01 -4.84
CA LEU A 536 23.03 5.16 -4.52
C LEU A 536 22.32 3.81 -4.33
N LEU A 537 22.57 2.89 -5.27
CA LEU A 537 21.99 1.56 -5.29
C LEU A 537 22.71 0.49 -4.45
N GLY A 538 24.03 0.60 -4.33
CA GLY A 538 24.83 -0.42 -3.69
C GLY A 538 25.02 -1.64 -4.57
N CYS A 539 25.45 -1.38 -5.81
CA CYS A 539 25.51 -2.38 -6.88
C CYS A 539 26.65 -2.10 -7.88
N GLU A 540 26.58 -2.71 -9.07
CA GLU A 540 27.72 -2.77 -10.01
C GLU A 540 27.71 -1.80 -11.20
N VAL A 541 28.93 -1.49 -11.65
CA VAL A 541 29.22 -0.74 -12.87
C VAL A 541 29.09 -1.62 -14.14
N GLY A 542 29.77 -1.20 -15.22
CA GLY A 542 29.82 -1.94 -16.47
C GLY A 542 28.79 -1.79 -17.58
N ALA A 543 28.55 -0.54 -17.99
CA ALA A 543 28.08 -0.22 -19.35
C ALA A 543 26.63 -0.50 -19.69
N ASP A 547 22.12 -1.65 -16.07
CA ASP A 547 20.77 -1.06 -16.10
C ASP A 547 20.20 -0.81 -14.70
N PHE A 548 19.77 0.42 -14.48
CA PHE A 548 19.32 0.90 -13.17
C PHE A 548 18.34 -0.02 -12.43
N PHE A 549 17.29 -0.46 -13.12
CA PHE A 549 16.25 -1.23 -12.46
C PHE A 549 16.49 -2.75 -12.47
N LEU A 550 17.48 -3.18 -13.25
CA LEU A 550 18.05 -4.52 -13.11
C LEU A 550 19.28 -4.49 -12.20
N CYS A 551 19.75 -3.28 -11.91
CA CYS A 551 20.94 -3.03 -11.08
C CYS A 551 20.63 -2.74 -9.60
N GLY A 552 19.38 -2.87 -9.19
CA GLY A 552 19.02 -2.62 -7.81
C GLY A 552 18.24 -1.33 -7.57
N GLY A 553 17.96 -0.61 -8.64
CA GLY A 553 17.11 0.55 -8.55
C GLY A 553 15.67 0.13 -8.35
N ASN A 554 14.89 1.08 -7.81
CA ASN A 554 13.43 0.90 -7.71
C ASN A 554 12.76 2.27 -7.87
N SER A 555 11.44 2.35 -7.65
CA SER A 555 10.70 3.61 -7.87
C SER A 555 11.09 4.76 -6.92
N LEU A 556 11.30 4.48 -5.67
CA LEU A 556 11.75 5.42 -4.65
C LEU A 556 13.17 5.95 -4.94
N LEU A 557 14.09 5.03 -5.19
CA LEU A 557 15.46 5.43 -5.53
C LEU A 557 15.50 6.20 -6.85
N ALA A 558 14.64 5.82 -7.79
CA ALA A 558 14.52 6.55 -9.04
C ALA A 558 14.07 7.98 -8.79
N LEU A 559 13.17 8.14 -7.82
CA LEU A 559 12.78 9.48 -7.36
C LEU A 559 13.99 10.26 -6.89
N GLN A 560 14.70 9.71 -5.91
CA GLN A 560 15.90 10.37 -5.40
C GLN A 560 16.91 10.74 -6.51
N LEU A 561 17.13 9.81 -7.44
CA LEU A 561 18.11 10.01 -8.50
C LEU A 561 17.69 11.17 -9.39
N VAL A 562 16.43 11.16 -9.79
CA VAL A 562 15.87 12.24 -10.60
C VAL A 562 15.97 13.58 -9.87
N ALA A 563 15.76 13.56 -8.56
CA ALA A 563 15.82 14.80 -7.81
C ALA A 563 17.24 15.33 -7.77
N LEU A 564 18.22 14.44 -7.60
CA LEU A 564 19.62 14.84 -7.70
C LEU A 564 19.83 15.52 -9.04
N CYS A 565 19.48 14.82 -10.11
CA CYS A 565 19.71 15.32 -11.45
C CYS A 565 19.04 16.67 -11.68
N GLN A 566 17.95 16.92 -10.98
CA GLN A 566 17.27 18.22 -11.06
C GLN A 566 17.97 19.32 -10.24
N SER A 567 18.52 18.94 -9.09
CA SER A 567 19.41 19.82 -8.32
C SER A 567 20.55 20.37 -9.19
N ALA A 568 20.92 19.59 -10.20
CA ALA A 568 22.13 19.81 -10.99
C ALA A 568 21.98 20.72 -12.23
N GLY A 569 20.85 21.41 -12.38
CA GLY A 569 20.59 22.10 -13.63
C GLY A 569 19.70 21.39 -14.62
N ALA A 570 18.69 20.69 -14.09
CA ALA A 570 17.71 19.95 -14.87
C ALA A 570 16.30 20.07 -14.27
N GLY A 571 15.42 19.14 -14.64
CA GLY A 571 13.99 19.28 -14.40
C GLY A 571 13.21 19.36 -15.71
N ALA A 572 13.95 19.46 -16.81
CA ALA A 572 13.43 19.02 -18.09
C ALA A 572 13.67 17.52 -18.05
N ASN A 573 14.44 17.10 -17.04
CA ASN A 573 14.77 15.71 -16.80
C ASN A 573 13.78 15.10 -15.81
N LEU A 574 12.93 14.21 -16.31
CA LEU A 574 11.77 13.77 -15.54
C LEU A 574 11.93 12.36 -14.95
N GLY A 575 10.95 11.98 -14.14
CA GLY A 575 10.92 10.65 -13.55
C GLY A 575 10.73 9.65 -14.65
N LEU A 576 10.14 10.13 -15.75
CA LEU A 576 9.85 9.29 -16.89
C LEU A 576 10.99 9.31 -17.89
N ALA A 577 11.22 10.48 -18.47
CA ALA A 577 12.14 10.60 -19.59
C ALA A 577 13.44 9.88 -19.32
N ASP A 578 14.27 10.50 -18.49
CA ASP A 578 15.67 10.11 -18.42
C ASP A 578 15.89 8.74 -17.78
N LEU A 579 14.97 8.31 -16.93
CA LEU A 579 15.17 7.00 -16.30
C LEU A 579 14.55 5.84 -17.06
N GLN A 580 13.24 5.81 -17.19
CA GLN A 580 12.59 4.67 -17.84
C GLN A 580 12.91 4.56 -19.31
N ALA A 581 12.95 5.69 -20.01
CA ALA A 581 13.28 5.68 -21.43
C ALA A 581 14.79 5.51 -21.64
N ASN A 582 15.56 6.07 -20.72
CA ASN A 582 17.03 6.03 -20.73
C ASN A 582 17.76 5.00 -19.83
N SER A 583 17.01 4.04 -19.29
CA SER A 583 17.46 3.22 -18.15
C SER A 583 18.79 2.45 -18.25
N ARG A 584 19.39 2.40 -19.43
CA ARG A 584 20.59 1.58 -19.67
C ARG A 584 21.86 1.99 -18.90
N LEU A 585 22.05 3.29 -18.71
CA LEU A 585 23.33 3.92 -18.37
C LEU A 585 24.14 4.23 -19.62
N ASP A 586 23.80 3.60 -20.73
CA ASP A 586 24.28 4.08 -22.01
C ASP A 586 23.42 5.27 -22.32
N GLN A 587 22.12 5.01 -22.28
CA GLN A 587 21.08 5.98 -22.59
C GLN A 587 21.03 7.05 -21.51
N PHE A 588 21.39 6.67 -20.29
CA PHE A 588 21.47 7.60 -19.17
C PHE A 588 22.77 8.43 -19.18
N SER A 589 23.87 7.85 -19.66
CA SER A 589 25.11 8.62 -19.78
C SER A 589 24.94 9.64 -20.91
N ARG A 590 24.11 9.29 -21.89
CA ARG A 590 23.80 10.21 -22.99
C ARG A 590 22.77 11.28 -22.59
N LEU A 591 21.78 10.89 -21.79
CA LEU A 591 20.76 11.82 -21.30
C LEU A 591 21.36 12.77 -20.27
N LEU A 592 22.36 12.28 -19.55
CA LEU A 592 23.07 13.06 -18.55
C LEU A 592 24.01 14.00 -19.29
N ARG A 593 24.93 13.41 -20.04
CA ARG A 593 25.91 14.19 -20.81
C ARG A 593 25.22 15.08 -21.83
N SER A 594 23.89 14.96 -21.91
CA SER A 594 23.12 15.88 -22.74
C SER A 594 23.19 17.27 -22.09
N HIS A 595 22.55 17.44 -20.92
CA HIS A 595 22.56 18.74 -20.24
C HIS A 595 23.82 19.05 -19.40
N GLY A 596 24.31 18.07 -18.65
CA GLY A 596 25.36 18.33 -17.67
C GLY A 596 26.28 17.16 -17.35
N LEU A 597 27.28 17.43 -16.52
CA LEU A 597 28.38 16.48 -16.27
C LEU A 597 28.12 15.50 -15.14
N ALA A 598 28.55 14.26 -15.34
CA ALA A 598 28.35 13.16 -14.39
C ALA A 598 28.95 13.37 -12.99
N PRO A 599 30.17 13.93 -12.92
CA PRO A 599 30.82 14.13 -11.62
C PRO A 599 30.17 15.20 -10.73
N GLU A 600 29.41 16.11 -11.32
CA GLU A 600 28.83 17.21 -10.55
C GLU A 600 27.83 16.75 -9.48
N ARG A 601 26.99 15.79 -9.86
CA ARG A 601 25.91 15.32 -8.98
C ARG A 601 26.38 14.78 -7.63
N LEU A 602 27.64 14.33 -7.58
CA LEU A 602 28.18 13.73 -6.36
C LEU A 602 27.98 14.59 -5.10
N LEU A 603 28.19 15.90 -5.22
CA LEU A 603 28.07 16.79 -4.06
C LEU A 603 26.71 17.48 -3.96
N GLU A 604 25.83 17.25 -4.92
CA GLU A 604 24.50 17.86 -4.89
C GLU A 604 23.57 17.09 -3.95
#